data_6RC4
#
_entry.id   6RC4
#
_cell.length_a   62.036
_cell.length_b   77.479
_cell.length_c   117.847
_cell.angle_alpha   90.000
_cell.angle_beta   90.000
_cell.angle_gamma   90.000
#
_symmetry.space_group_name_H-M   'I 2 2 2'
#
loop_
_entity.id
_entity.type
_entity.pdbx_description
1 polymer 'NAD kinase 1'
2 non-polymer 'CITRIC ACID'
3 non-polymer 2-(6-azanyl-8-methyl-purin-9-yl)ethanol
4 water water
#
_entity_poly.entity_id   1
_entity_poly.type   'polypeptide(L)'
_entity_poly.pdbx_seq_one_letter_code
;MKYMITSKGDEKSDLLRLNMIAGFGEYDMEYDDVEPEIVISIGGDGTFLSAFHQYEERLDEIAFIGIHTGHLGFYADWRP
AEADKLVKLLAKGEYQKVSYPLLKTTVKYGIGKKEATYLALNESTVKSSGGPFVVDVVINDIHFERFRGDGLCMSTPSGT
TAYNKSLGGALMHPSIEAMQLTEMASINNRVYRTIGSPLVFPKHHVVSLQPVNDKDFQISVDHLSILHRDVQEIRYEVSA
KKIHFARFRSFPFWRRVHDSFIEDLEHHHHHH
;
_entity_poly.pdbx_strand_id   A
#
loop_
_chem_comp.id
_chem_comp.type
_chem_comp.name
_chem_comp.formula
CIT non-polymer 'CITRIC ACID' 'C6 H8 O7'
JXZ non-polymer 2-(6-azanyl-8-methyl-purin-9-yl)ethanol 'C8 H11 N5 O'
#
# COMPACT_ATOMS: atom_id res chain seq x y z
N MET A 1 8.99 -7.72 -24.07
CA MET A 1 10.04 -7.76 -23.06
C MET A 1 9.76 -8.85 -22.03
N LYS A 2 10.47 -8.79 -20.91
CA LYS A 2 10.29 -9.79 -19.85
C LYS A 2 9.06 -9.47 -19.01
N TYR A 3 8.34 -10.52 -18.61
CA TYR A 3 7.10 -10.37 -17.87
C TYR A 3 6.89 -11.59 -16.98
N MET A 4 5.96 -11.45 -16.05
CA MET A 4 5.53 -12.56 -15.20
C MET A 4 4.11 -12.27 -14.74
N ILE A 5 3.44 -13.32 -14.27
CA ILE A 5 2.03 -13.24 -13.87
C ILE A 5 1.86 -14.02 -12.57
N THR A 6 1.31 -13.36 -11.54
CA THR A 6 0.92 -14.02 -10.31
C THR A 6 -0.58 -14.27 -10.31
N SER A 7 -1.00 -15.26 -9.51
CA SER A 7 -2.40 -15.65 -9.47
C SER A 7 -2.86 -15.82 -8.03
N LYS A 8 -4.14 -15.54 -7.79
CA LYS A 8 -4.73 -15.77 -6.48
C LYS A 8 -4.63 -17.23 -6.06
N GLY A 9 -4.54 -18.15 -7.01
CA GLY A 9 -4.42 -19.56 -6.72
C GLY A 9 -5.68 -20.37 -6.92
N ASP A 10 -6.82 -19.72 -7.09
CA ASP A 10 -8.06 -20.43 -7.35
C ASP A 10 -8.16 -20.79 -8.83
N GLU A 11 -9.23 -21.48 -9.19
CA GLU A 11 -9.33 -22.06 -10.53
C GLU A 11 -9.45 -20.97 -11.60
N LYS A 12 -10.29 -19.97 -11.36
CA LYS A 12 -10.55 -18.97 -12.38
C LYS A 12 -9.33 -18.10 -12.64
N SER A 13 -8.55 -17.80 -11.60
CA SER A 13 -7.36 -16.98 -11.77
C SER A 13 -6.21 -17.74 -12.41
N ASP A 14 -6.11 -19.04 -12.15
CA ASP A 14 -5.07 -19.85 -12.79
C ASP A 14 -5.31 -19.99 -14.28
N LEU A 15 -6.56 -20.23 -14.67
CA LEU A 15 -6.86 -20.44 -16.09
C LEU A 15 -6.69 -19.15 -16.88
N LEU A 16 -7.07 -18.00 -16.29
CA LEU A 16 -6.85 -16.73 -16.97
C LEU A 16 -5.36 -16.44 -17.13
N ARG A 17 -4.54 -16.89 -16.18
CA ARG A 17 -3.10 -16.73 -16.29
C ARG A 17 -2.54 -17.54 -17.45
N LEU A 18 -2.94 -18.82 -17.55
CA LEU A 18 -2.43 -19.64 -18.64
C LEU A 18 -2.87 -19.12 -20.00
N ASN A 19 -4.04 -18.47 -20.07
CA ASN A 19 -4.49 -17.92 -21.35
C ASN A 19 -3.67 -16.71 -21.76
N MET A 20 -3.34 -15.83 -20.80
CA MET A 20 -2.52 -14.67 -21.15
C MET A 20 -1.11 -15.10 -21.54
N ILE A 21 -0.54 -16.09 -20.83
CA ILE A 21 0.77 -16.60 -21.19
C ILE A 21 0.76 -17.14 -22.60
N ALA A 22 -0.26 -17.92 -22.95
CA ALA A 22 -0.38 -18.43 -24.32
C ALA A 22 -0.54 -17.29 -25.31
N GLY A 23 -1.35 -16.29 -24.96
CA GLY A 23 -1.46 -15.11 -25.82
C GLY A 23 -0.14 -14.36 -25.93
N PHE A 24 0.60 -14.27 -24.83
CA PHE A 24 1.93 -13.67 -24.88
C PHE A 24 2.87 -14.46 -25.77
N GLY A 25 2.64 -15.77 -25.90
CA GLY A 25 3.48 -16.59 -26.75
C GLY A 25 3.44 -16.21 -28.22
N GLU A 26 2.40 -15.47 -28.62
CA GLU A 26 2.26 -14.99 -29.99
C GLU A 26 2.99 -13.67 -30.23
N TYR A 27 3.78 -13.20 -29.27
CA TYR A 27 4.49 -11.94 -29.37
C TYR A 27 5.92 -12.12 -28.87
N ASP A 28 6.73 -11.07 -29.07
CA ASP A 28 8.11 -11.03 -28.57
C ASP A 28 8.06 -10.69 -27.08
N MET A 29 7.73 -11.71 -26.28
CA MET A 29 7.60 -11.55 -24.83
C MET A 29 8.21 -12.78 -24.17
N GLU A 30 9.18 -12.56 -23.30
CA GLU A 30 9.85 -13.63 -22.58
C GLU A 30 9.34 -13.67 -21.15
N TYR A 31 8.87 -14.84 -20.71
CA TYR A 31 8.46 -15.01 -19.33
C TYR A 31 9.69 -15.11 -18.44
N ASP A 32 9.80 -14.19 -17.49
CA ASP A 32 10.93 -14.16 -16.55
C ASP A 32 10.43 -13.56 -15.25
N ASP A 33 10.29 -14.39 -14.22
CA ASP A 33 9.83 -13.92 -12.92
C ASP A 33 10.97 -13.53 -12.00
N VAL A 34 12.18 -13.41 -12.53
CA VAL A 34 13.34 -12.96 -11.75
C VAL A 34 13.66 -11.50 -12.04
N GLU A 35 13.74 -11.13 -13.32
CA GLU A 35 13.94 -9.74 -13.74
C GLU A 35 12.85 -9.32 -14.72
N PRO A 36 11.60 -9.30 -14.28
CA PRO A 36 10.52 -8.88 -15.18
C PRO A 36 10.42 -7.37 -15.29
N GLU A 37 9.92 -6.91 -16.43
CA GLU A 37 9.57 -5.52 -16.62
C GLU A 37 8.06 -5.29 -16.55
N ILE A 38 7.26 -6.33 -16.73
CA ILE A 38 5.81 -6.29 -16.58
C ILE A 38 5.43 -7.32 -15.54
N VAL A 39 4.64 -6.90 -14.56
CA VAL A 39 4.10 -7.80 -13.54
C VAL A 39 2.59 -7.67 -13.57
N ILE A 40 1.92 -8.78 -13.89
CA ILE A 40 0.47 -8.84 -13.98
C ILE A 40 -0.06 -9.61 -12.78
N SER A 41 -1.00 -9.02 -12.07
CA SER A 41 -1.62 -9.65 -10.91
C SER A 41 -3.05 -10.02 -11.26
N ILE A 42 -3.42 -11.27 -11.02
CA ILE A 42 -4.75 -11.79 -11.34
C ILE A 42 -5.37 -12.31 -10.06
N GLY A 43 -6.44 -11.67 -9.62
CA GLY A 43 -7.13 -12.04 -8.40
C GLY A 43 -7.84 -10.87 -7.76
N GLY A 44 -7.21 -10.28 -6.75
CA GLY A 44 -7.78 -9.13 -6.06
C GLY A 44 -6.72 -8.13 -5.67
N ASP A 45 -7.10 -7.12 -4.88
CA ASP A 45 -6.11 -6.16 -4.41
C ASP A 45 -5.07 -6.83 -3.52
N GLY A 46 -5.50 -7.84 -2.74
CA GLY A 46 -4.54 -8.58 -1.93
C GLY A 46 -3.53 -9.32 -2.78
N THR A 47 -3.97 -9.91 -3.88
CA THR A 47 -3.05 -10.53 -4.82
C THR A 47 -2.09 -9.49 -5.40
N PHE A 48 -2.60 -8.30 -5.73
CA PHE A 48 -1.73 -7.22 -6.17
C PHE A 48 -0.74 -6.83 -5.08
N LEU A 49 -1.20 -6.75 -3.83
CA LEU A 49 -0.32 -6.37 -2.73
C LEU A 49 0.84 -7.35 -2.59
N SER A 50 0.57 -8.65 -2.74
CA SER A 50 1.66 -9.63 -2.67
C SER A 50 2.61 -9.48 -3.85
N ALA A 51 2.08 -9.15 -5.03
CA ALA A 51 2.94 -8.92 -6.19
C ALA A 51 3.82 -7.71 -5.99
N PHE A 52 3.31 -6.68 -5.32
CA PHE A 52 4.11 -5.49 -5.05
C PHE A 52 5.30 -5.83 -4.15
N HIS A 53 5.03 -6.50 -3.03
CA HIS A 53 6.09 -6.81 -2.08
C HIS A 53 7.02 -7.91 -2.57
N GLN A 54 6.60 -8.70 -3.56
CA GLN A 54 7.52 -9.67 -4.13
C GLN A 54 8.63 -9.00 -4.92
N TYR A 55 8.36 -7.83 -5.51
CA TYR A 55 9.35 -7.16 -6.33
C TYR A 55 9.62 -5.74 -5.86
N GLU A 56 9.57 -5.50 -4.54
CA GLU A 56 9.75 -4.15 -4.02
C GLU A 56 11.18 -3.64 -4.13
N GLU A 57 12.14 -4.50 -4.46
CA GLU A 57 13.51 -4.06 -4.67
C GLU A 57 13.81 -3.70 -6.12
N ARG A 58 12.84 -3.86 -7.02
CA ARG A 58 12.99 -3.52 -8.43
C ARG A 58 11.84 -2.62 -8.88
N LEU A 59 11.41 -1.70 -8.02
CA LEU A 59 10.21 -0.93 -8.28
C LEU A 59 10.34 -0.01 -9.49
N ASP A 60 11.55 0.48 -9.76
CA ASP A 60 11.77 1.42 -10.86
C ASP A 60 11.88 0.74 -12.22
N GLU A 61 11.95 -0.59 -12.27
CA GLU A 61 12.06 -1.30 -13.54
C GLU A 61 10.79 -2.04 -13.92
N ILE A 62 9.69 -1.85 -13.18
CA ILE A 62 8.49 -2.65 -13.35
C ILE A 62 7.27 -1.74 -13.49
N ALA A 63 6.39 -2.07 -14.42
CA ALA A 63 5.07 -1.47 -14.53
C ALA A 63 4.03 -2.55 -14.18
N PHE A 64 3.29 -2.31 -13.10
CA PHE A 64 2.32 -3.28 -12.59
C PHE A 64 0.97 -3.14 -13.28
N ILE A 65 0.26 -4.26 -13.40
CA ILE A 65 -1.11 -4.30 -13.88
C ILE A 65 -1.90 -5.28 -13.02
N GLY A 66 -3.10 -4.89 -12.61
CA GLY A 66 -3.94 -5.77 -11.83
C GLY A 66 -5.24 -6.16 -12.52
N ILE A 67 -5.58 -7.44 -12.48
CA ILE A 67 -6.84 -7.95 -13.00
C ILE A 67 -7.62 -8.54 -11.84
N HIS A 68 -8.89 -8.20 -11.74
CA HIS A 68 -9.74 -8.67 -10.64
C HIS A 68 -10.66 -9.77 -11.19
N THR A 69 -10.45 -11.00 -10.70
CA THR A 69 -11.35 -12.09 -11.02
C THR A 69 -12.61 -12.04 -10.18
N GLY A 70 -12.58 -11.35 -9.04
CA GLY A 70 -13.74 -11.10 -8.22
C GLY A 70 -14.28 -9.71 -8.43
N HIS A 71 -14.65 -9.06 -7.32
CA HIS A 71 -15.14 -7.69 -7.37
C HIS A 71 -14.04 -6.75 -7.84
N LEU A 72 -14.45 -5.54 -8.23
CA LEU A 72 -13.50 -4.51 -8.64
C LEU A 72 -12.58 -4.14 -7.47
N GLY A 73 -11.30 -3.96 -7.78
CA GLY A 73 -10.35 -3.49 -6.79
C GLY A 73 -9.71 -2.18 -7.20
N PHE A 74 -9.11 -1.49 -6.23
CA PHE A 74 -8.44 -0.23 -6.52
C PHE A 74 -7.11 -0.42 -7.22
N TYR A 75 -6.48 -1.59 -7.07
CA TYR A 75 -5.27 -1.93 -7.80
C TYR A 75 -5.54 -2.92 -8.93
N ALA A 76 -6.29 -3.97 -8.65
CA ALA A 76 -6.76 -4.89 -9.68
C ALA A 76 -8.07 -4.34 -10.22
N ASP A 77 -7.96 -3.43 -11.20
CA ASP A 77 -9.09 -2.64 -11.66
C ASP A 77 -9.42 -2.88 -13.13
N TRP A 78 -9.19 -4.11 -13.62
CA TRP A 78 -9.51 -4.45 -15.00
C TRP A 78 -10.22 -5.79 -15.03
N ARG A 79 -11.36 -5.84 -15.74
CA ARG A 79 -12.17 -7.05 -15.76
C ARG A 79 -11.45 -8.16 -16.51
N PRO A 80 -11.73 -9.43 -16.17
CA PRO A 80 -11.11 -10.53 -16.91
C PRO A 80 -11.41 -10.50 -18.39
N ALA A 81 -12.52 -9.88 -18.81
CA ALA A 81 -12.83 -9.86 -20.23
C ALA A 81 -11.85 -8.98 -21.02
N GLU A 82 -11.07 -8.14 -20.35
CA GLU A 82 -10.10 -7.28 -21.00
C GLU A 82 -8.73 -7.91 -21.13
N ALA A 83 -8.60 -9.21 -20.81
CA ALA A 83 -7.29 -9.84 -20.78
C ALA A 83 -6.68 -9.93 -22.18
N ASP A 84 -7.46 -10.36 -23.17
CA ASP A 84 -6.93 -10.48 -24.52
C ASP A 84 -6.58 -9.13 -25.12
N LYS A 85 -7.34 -8.09 -24.78
CA LYS A 85 -6.94 -6.75 -25.18
C LYS A 85 -5.77 -6.25 -24.34
N LEU A 86 -5.58 -6.81 -23.14
CA LEU A 86 -4.48 -6.40 -22.28
C LEU A 86 -3.15 -6.92 -22.83
N VAL A 87 -3.05 -8.23 -23.05
CA VAL A 87 -1.83 -8.84 -23.58
C VAL A 87 -1.45 -8.20 -24.90
N LYS A 88 -2.44 -7.75 -25.68
CA LYS A 88 -2.16 -7.12 -26.96
C LYS A 88 -1.42 -5.81 -26.78
N LEU A 89 -2.00 -4.90 -25.98
CA LEU A 89 -1.37 -3.58 -25.80
C LEU A 89 -0.10 -3.68 -24.97
N LEU A 90 0.00 -4.67 -24.08
CA LEU A 90 1.21 -4.87 -23.31
C LEU A 90 2.38 -5.31 -24.19
N ALA A 91 2.12 -6.10 -25.23
CA ALA A 91 3.20 -6.60 -26.06
C ALA A 91 3.76 -5.50 -26.96
N LYS A 92 2.88 -4.67 -27.53
CA LYS A 92 3.34 -3.55 -28.35
C LYS A 92 4.20 -2.59 -27.54
N GLY A 93 3.90 -2.42 -26.26
CA GLY A 93 4.54 -1.38 -25.49
C GLY A 93 3.98 0.00 -25.84
N GLU A 94 4.86 1.00 -25.82
CA GLU A 94 4.55 2.40 -26.05
C GLU A 94 3.45 2.94 -25.14
N TYR A 95 3.04 2.18 -24.14
CA TYR A 95 2.01 2.61 -23.20
C TYR A 95 2.55 3.71 -22.28
N GLN A 96 1.66 4.35 -21.55
CA GLN A 96 2.07 5.33 -20.55
C GLN A 96 2.09 4.69 -19.16
N LYS A 97 2.88 5.30 -18.27
CA LYS A 97 3.04 4.81 -16.91
C LYS A 97 2.52 5.85 -15.93
N VAL A 98 1.90 5.36 -14.85
CA VAL A 98 1.39 6.20 -13.77
C VAL A 98 2.07 5.78 -12.48
N SER A 99 2.44 6.76 -11.65
CA SER A 99 3.19 6.52 -10.43
C SER A 99 2.38 6.95 -9.20
N TYR A 100 2.38 6.10 -8.17
CA TYR A 100 1.72 6.37 -6.90
C TYR A 100 2.75 6.47 -5.77
N PRO A 101 2.53 7.33 -4.78
CA PRO A 101 3.51 7.46 -3.70
C PRO A 101 3.45 6.28 -2.75
N LEU A 102 4.56 6.04 -2.07
CA LEU A 102 4.67 4.95 -1.12
C LEU A 102 5.11 5.49 0.23
N LEU A 103 4.93 4.69 1.27
CA LEU A 103 5.25 5.06 2.63
C LEU A 103 6.46 4.27 3.11
N LYS A 104 7.46 4.97 3.63
CA LYS A 104 8.63 4.35 4.24
C LYS A 104 8.43 4.27 5.75
N THR A 105 8.70 3.10 6.31
CA THR A 105 8.62 2.86 7.74
C THR A 105 9.98 2.38 8.23
N THR A 106 10.55 3.08 9.20
CA THR A 106 11.82 2.72 9.80
C THR A 106 11.59 2.35 11.26
N VAL A 107 12.18 1.23 11.69
CA VAL A 107 12.09 0.76 13.06
C VAL A 107 13.48 0.73 13.65
N LYS A 108 13.68 1.45 14.74
CA LYS A 108 14.96 1.52 15.43
C LYS A 108 14.91 0.69 16.72
N TYR A 109 15.96 -0.06 16.97
CA TYR A 109 16.07 -0.93 18.13
C TYR A 109 17.23 -0.49 19.02
N GLY A 110 17.56 -1.32 20.00
CA GLY A 110 18.69 -1.05 20.87
C GLY A 110 19.99 -1.65 20.32
N LYS A 114 20.47 -1.02 15.90
CA LYS A 114 19.95 -1.76 14.76
C LYS A 114 18.73 -1.05 14.17
N GLU A 115 18.48 -1.25 12.87
CA GLU A 115 17.36 -0.62 12.20
C GLU A 115 16.77 -1.59 11.18
N ALA A 116 15.49 -1.37 10.86
CA ALA A 116 14.78 -2.13 9.85
C ALA A 116 13.84 -1.19 9.10
N THR A 117 13.91 -1.22 7.78
CA THR A 117 13.11 -0.36 6.93
C THR A 117 12.15 -1.19 6.09
N TYR A 118 10.98 -0.62 5.80
CA TYR A 118 9.95 -1.29 5.02
C TYR A 118 9.24 -0.28 4.13
N LEU A 119 8.65 -0.78 3.05
CA LEU A 119 7.81 0.01 2.17
C LEU A 119 6.38 -0.49 2.25
N ALA A 120 5.42 0.43 2.22
CA ALA A 120 4.02 0.09 2.31
C ALA A 120 3.27 0.70 1.14
N LEU A 121 2.49 -0.14 0.44
CA LEU A 121 1.63 0.36 -0.63
C LEU A 121 0.31 0.88 -0.08
N ASN A 122 -0.20 0.30 1.01
CA ASN A 122 -1.43 0.79 1.62
C ASN A 122 -1.14 1.58 2.89
N GLU A 123 -0.74 0.89 3.96
CA GLU A 123 -0.56 1.55 5.23
C GLU A 123 0.34 0.72 6.13
N SER A 124 0.82 1.38 7.20
CA SER A 124 1.52 0.74 8.29
C SER A 124 0.83 1.11 9.59
N THR A 125 0.55 0.12 10.43
CA THR A 125 -0.13 0.34 11.70
C THR A 125 0.76 -0.11 12.86
N VAL A 126 0.58 0.54 14.01
CA VAL A 126 1.29 0.20 15.22
C VAL A 126 0.26 -0.02 16.32
N LYS A 127 0.39 -1.12 17.04
CA LYS A 127 -0.50 -1.44 18.16
C LYS A 127 0.35 -2.00 19.30
N SER A 128 -0.30 -2.23 20.44
CA SER A 128 0.36 -2.77 21.61
C SER A 128 0.45 -4.29 21.54
N SER A 129 1.44 -4.84 22.25
CA SER A 129 1.64 -6.28 22.34
C SER A 129 0.72 -6.95 23.36
N GLY A 130 -0.42 -6.34 23.68
CA GLY A 130 -1.34 -6.89 24.66
C GLY A 130 -1.74 -5.89 25.72
N GLY A 131 -0.78 -5.12 26.22
CA GLY A 131 -1.04 -4.13 27.24
C GLY A 131 -1.53 -2.81 26.66
N PRO A 132 -1.33 -1.72 27.40
CA PRO A 132 -1.77 -0.41 26.89
C PRO A 132 -0.79 0.15 25.87
N PHE A 133 -1.33 0.81 24.86
CA PHE A 133 -0.54 1.43 23.80
C PHE A 133 -0.41 2.92 24.10
N VAL A 134 0.82 3.34 24.41
CA VAL A 134 1.11 4.74 24.69
C VAL A 134 2.39 5.10 23.95
N VAL A 135 2.31 6.11 23.08
CA VAL A 135 3.48 6.61 22.38
C VAL A 135 3.44 8.12 22.37
N ASP A 136 4.62 8.73 22.39
CA ASP A 136 4.77 10.15 22.13
C ASP A 136 4.91 10.36 20.64
N VAL A 137 4.11 11.27 20.09
CA VAL A 137 4.11 11.54 18.65
C VAL A 137 4.97 12.78 18.41
N VAL A 138 6.03 12.61 17.63
CA VAL A 138 7.01 13.65 17.37
C VAL A 138 6.99 13.96 15.89
N ILE A 139 6.54 15.16 15.53
CA ILE A 139 6.47 15.61 14.14
C ILE A 139 7.62 16.57 13.89
N ASN A 140 8.51 16.20 12.96
CA ASN A 140 9.64 17.03 12.58
C ASN A 140 10.43 17.49 13.80
N ASP A 141 10.68 16.54 14.71
CA ASP A 141 11.43 16.70 15.95
C ASP A 141 10.69 17.52 16.99
N ILE A 142 9.45 17.95 16.73
CA ILE A 142 8.65 18.67 17.70
C ILE A 142 7.63 17.71 18.28
N HIS A 143 7.62 17.56 19.61
CA HIS A 143 6.69 16.67 20.28
CA HIS A 143 6.68 16.66 20.27
C HIS A 143 5.27 17.20 20.09
N PHE A 144 4.45 16.43 19.37
CA PHE A 144 3.09 16.87 19.05
C PHE A 144 2.07 16.41 20.08
N GLU A 145 2.16 15.18 20.54
CA GLU A 145 1.12 14.65 21.43
C GLU A 145 1.61 13.35 22.05
N ARG A 146 0.97 12.98 23.15
CA ARG A 146 1.13 11.67 23.76
C ARG A 146 -0.15 10.89 23.47
N PHE A 147 -0.04 9.86 22.63
CA PHE A 147 -1.22 9.12 22.19
C PHE A 147 -1.44 7.91 23.10
N ARG A 148 -2.69 7.77 23.57
CA ARG A 148 -3.14 6.58 24.28
C ARG A 148 -4.37 6.04 23.57
N GLY A 149 -4.40 4.73 23.33
CA GLY A 149 -5.52 4.13 22.64
C GLY A 149 -5.13 2.77 22.09
N ASP A 150 -5.84 2.36 21.05
CA ASP A 150 -5.59 1.06 20.43
C ASP A 150 -4.36 1.08 19.53
N GLY A 151 -4.20 2.14 18.74
CA GLY A 151 -3.05 2.22 17.87
C GLY A 151 -3.16 3.37 16.90
N LEU A 152 -2.20 3.42 15.99
CA LEU A 152 -2.12 4.46 14.97
C LEU A 152 -1.92 3.83 13.60
N CYS A 153 -2.35 4.56 12.58
CA CYS A 153 -2.27 4.08 11.20
C CYS A 153 -1.79 5.20 10.31
N MET A 154 -0.73 4.95 9.55
CA MET A 154 -0.20 5.90 8.57
C MET A 154 -0.43 5.32 7.19
N SER A 155 -1.20 6.03 6.36
CA SER A 155 -1.67 5.50 5.09
C SER A 155 -1.05 6.24 3.93
N THR A 156 -0.84 5.52 2.83
CA THR A 156 -0.48 6.13 1.56
C THR A 156 -1.71 6.79 0.95
N PRO A 157 -1.55 7.62 -0.09
CA PRO A 157 -2.73 8.17 -0.77
C PRO A 157 -3.67 7.08 -1.29
N SER A 158 -3.15 6.16 -2.10
CA SER A 158 -3.98 5.07 -2.60
C SER A 158 -4.43 4.14 -1.48
N GLY A 159 -3.71 4.10 -0.36
CA GLY A 159 -4.14 3.32 0.77
C GLY A 159 -5.25 3.94 1.60
N THR A 160 -5.63 5.18 1.30
CA THR A 160 -6.66 5.83 2.08
C THR A 160 -8.02 5.15 1.95
N THR A 161 -8.24 4.39 0.88
CA THR A 161 -9.49 3.68 0.68
C THR A 161 -9.55 2.35 1.42
N ALA A 162 -8.48 1.96 2.13
CA ALA A 162 -8.46 0.71 2.86
C ALA A 162 -8.73 0.94 4.35
N TYR A 163 -7.78 0.50 5.20
CA TYR A 163 -7.94 0.64 6.64
C TYR A 163 -8.14 2.10 7.04
N ASN A 164 -7.46 3.02 6.34
CA ASN A 164 -7.59 4.44 6.64
C ASN A 164 -9.03 4.91 6.58
N LYS A 165 -9.82 4.37 5.64
CA LYS A 165 -11.21 4.81 5.53
C LYS A 165 -12.04 4.34 6.72
N SER A 166 -11.76 3.14 7.23
CA SER A 166 -12.53 2.60 8.35
C SER A 166 -12.30 3.38 9.63
N LEU A 167 -11.22 4.15 9.72
CA LEU A 167 -10.87 4.90 10.91
C LEU A 167 -11.28 6.36 10.83
N GLY A 168 -12.06 6.73 9.81
CA GLY A 168 -12.48 8.09 9.65
C GLY A 168 -11.55 8.95 8.81
N GLY A 169 -10.49 8.38 8.26
CA GLY A 169 -9.57 9.15 7.45
C GLY A 169 -10.19 9.61 6.14
N ALA A 170 -9.58 10.63 5.55
CA ALA A 170 -10.06 11.14 4.28
C ALA A 170 -9.50 10.32 3.13
N LEU A 171 -10.19 10.39 1.99
CA LEU A 171 -9.73 9.75 0.76
C LEU A 171 -8.93 10.78 -0.03
N MET A 172 -7.65 10.47 -0.27
CA MET A 172 -6.78 11.37 -1.00
C MET A 172 -6.56 10.85 -2.41
N HIS A 173 -6.57 11.77 -3.37
CA HIS A 173 -6.23 11.39 -4.73
C HIS A 173 -4.76 11.00 -4.79
N PRO A 174 -4.41 9.88 -5.43
CA PRO A 174 -3.03 9.39 -5.34
C PRO A 174 -2.00 10.24 -6.07
N SER A 175 -2.41 11.28 -6.80
CA SER A 175 -1.42 12.21 -7.36
C SER A 175 -0.85 13.14 -6.30
N ILE A 176 -1.43 13.19 -5.11
CA ILE A 176 -0.93 14.00 -4.02
C ILE A 176 0.12 13.19 -3.28
N GLU A 177 1.37 13.66 -3.32
CA GLU A 177 2.46 12.99 -2.60
C GLU A 177 2.34 13.36 -1.13
N ALA A 178 1.73 12.48 -0.34
CA ALA A 178 1.48 12.76 1.06
C ALA A 178 1.22 11.45 1.79
N MET A 179 1.10 11.56 3.11
CA MET A 179 0.73 10.44 3.96
C MET A 179 -0.23 10.92 5.03
N GLN A 180 -1.14 10.04 5.45
CA GLN A 180 -2.21 10.41 6.37
C GLN A 180 -2.15 9.53 7.61
N LEU A 181 -2.22 10.16 8.79
CA LEU A 181 -2.17 9.49 10.08
C LEU A 181 -3.54 9.55 10.73
N THR A 182 -4.06 8.39 11.12
CA THR A 182 -5.34 8.31 11.81
C THR A 182 -5.20 7.59 13.14
N GLU A 183 -6.15 7.84 14.02
CA GLU A 183 -6.16 7.29 15.36
C GLU A 183 -7.09 6.10 15.44
N MET A 184 -6.77 5.16 16.34
CA MET A 184 -7.61 4.02 16.63
C MET A 184 -8.07 4.11 18.07
N ALA A 185 -9.36 4.39 18.27
CA ALA A 185 -10.01 4.36 19.58
C ALA A 185 -9.19 5.11 20.63
N SER A 186 -8.89 6.37 20.31
CA SER A 186 -8.12 7.19 21.23
C SER A 186 -8.94 7.48 22.49
N ILE A 187 -8.26 7.52 23.63
CA ILE A 187 -8.88 7.92 24.88
C ILE A 187 -8.54 9.39 25.09
N ASN A 188 -9.57 10.23 25.12
CA ASN A 188 -9.42 11.66 25.35
C ASN A 188 -10.23 12.03 26.58
N ASN A 189 -9.56 12.55 27.60
CA ASN A 189 -10.23 12.96 28.83
C ASN A 189 -9.60 14.28 29.29
N ARG A 190 -9.73 14.57 30.59
CA ARG A 190 -9.17 15.80 31.14
C ARG A 190 -7.65 15.81 31.06
N VAL A 191 -7.01 14.65 31.19
CA VAL A 191 -5.56 14.60 31.36
C VAL A 191 -4.84 14.00 30.17
N TYR A 192 -5.51 13.22 29.31
CA TYR A 192 -4.92 12.71 28.08
C TYR A 192 -5.70 13.29 26.91
N ARG A 193 -5.02 13.98 26.01
CA ARG A 193 -5.68 14.62 24.87
C ARG A 193 -4.90 14.34 23.61
N THR A 194 -5.61 13.88 22.58
CA THR A 194 -5.07 13.70 21.25
C THR A 194 -5.71 14.72 20.30
N ILE A 195 -5.14 14.84 19.11
CA ILE A 195 -5.71 15.77 18.14
C ILE A 195 -7.06 15.25 17.64
N GLY A 196 -7.29 13.95 17.67
CA GLY A 196 -8.52 13.40 17.12
C GLY A 196 -8.64 13.43 15.61
N SER A 197 -8.44 14.59 14.99
CA SER A 197 -8.54 14.70 13.55
C SER A 197 -7.43 13.90 12.87
N PRO A 198 -7.69 13.35 11.69
CA PRO A 198 -6.60 12.79 10.89
C PRO A 198 -5.64 13.88 10.45
N LEU A 199 -4.39 13.51 10.25
CA LEU A 199 -3.35 14.44 9.85
C LEU A 199 -2.75 14.02 8.52
N VAL A 200 -2.65 14.95 7.59
CA VAL A 200 -2.07 14.72 6.27
C VAL A 200 -0.75 15.45 6.19
N PHE A 201 0.34 14.68 6.00
CA PHE A 201 1.69 15.20 5.97
C PHE A 201 2.25 15.20 4.56
N PRO A 202 2.93 16.25 4.15
CA PRO A 202 3.51 16.31 2.81
C PRO A 202 4.86 15.58 2.77
N LYS A 203 5.49 15.63 1.61
CA LYS A 203 6.83 15.07 1.45
C LYS A 203 7.80 15.74 2.41
N HIS A 204 8.80 14.98 2.83
CA HIS A 204 9.91 15.39 3.68
C HIS A 204 9.49 15.71 5.11
N HIS A 205 8.22 15.53 5.47
CA HIS A 205 7.81 15.62 6.87
C HIS A 205 7.98 14.26 7.53
N VAL A 206 8.69 14.23 8.66
CA VAL A 206 9.02 13.00 9.36
C VAL A 206 8.16 12.92 10.61
N VAL A 207 7.36 11.87 10.72
CA VAL A 207 6.55 11.58 11.89
C VAL A 207 7.15 10.38 12.59
N SER A 208 7.53 10.55 13.85
CA SER A 208 8.18 9.49 14.62
C SER A 208 7.36 9.19 15.87
N LEU A 209 7.22 7.90 16.17
CA LEU A 209 6.58 7.42 17.39
C LEU A 209 7.64 6.92 18.36
N GLN A 210 7.52 7.32 19.63
CA GLN A 210 8.52 6.98 20.63
C GLN A 210 7.83 6.34 21.83
N PRO A 211 8.38 5.25 22.37
CA PRO A 211 7.71 4.58 23.49
C PRO A 211 7.77 5.40 24.76
N VAL A 212 6.74 5.24 25.58
CA VAL A 212 6.67 5.85 26.90
C VAL A 212 6.99 4.84 27.99
N ASN A 213 6.44 3.64 27.88
CA ASN A 213 6.73 2.56 28.82
C ASN A 213 7.10 1.28 28.09
N ASP A 214 6.08 0.60 27.56
CA ASP A 214 6.32 -0.65 26.83
C ASP A 214 7.06 -0.36 25.53
N LYS A 215 8.14 -1.10 25.30
CA LYS A 215 8.94 -0.98 24.09
C LYS A 215 8.63 -2.04 23.05
N ASP A 216 7.54 -2.79 23.23
CA ASP A 216 7.16 -3.85 22.29
C ASP A 216 5.86 -3.45 21.60
N PHE A 217 5.86 -3.46 20.27
CA PHE A 217 4.71 -3.05 19.49
C PHE A 217 4.47 -4.03 18.36
N GLN A 218 3.20 -4.32 18.09
CA GLN A 218 2.80 -5.13 16.95
C GLN A 218 2.68 -4.21 15.74
N ILE A 219 3.65 -4.29 14.83
CA ILE A 219 3.72 -3.40 13.68
C ILE A 219 3.31 -4.16 12.43
N SER A 220 2.34 -3.61 11.70
CA SER A 220 1.93 -4.15 10.43
C SER A 220 2.38 -3.23 9.30
N VAL A 221 2.70 -3.83 8.16
CA VAL A 221 3.03 -3.13 6.94
C VAL A 221 2.26 -3.84 5.84
N ASP A 222 1.15 -3.24 5.38
CA ASP A 222 0.21 -3.87 4.46
C ASP A 222 -0.35 -5.10 5.16
N HIS A 223 -0.20 -6.31 4.61
CA HIS A 223 -0.75 -7.48 5.26
CA HIS A 223 -0.73 -7.54 5.18
C HIS A 223 0.28 -8.26 6.08
N LEU A 224 1.50 -7.76 6.17
CA LEU A 224 2.54 -8.36 6.99
C LEU A 224 2.53 -7.72 8.38
N SER A 225 2.30 -8.52 9.41
CA SER A 225 2.24 -8.04 10.79
C SER A 225 3.27 -8.79 11.62
N ILE A 226 4.19 -8.06 12.24
CA ILE A 226 5.31 -8.65 12.97
C ILE A 226 5.40 -7.99 14.34
N LEU A 227 5.60 -8.80 15.38
CA LEU A 227 5.84 -8.27 16.71
C LEU A 227 7.32 -7.88 16.82
N HIS A 228 7.56 -6.57 16.95
CA HIS A 228 8.91 -6.04 17.13
C HIS A 228 9.15 -5.78 18.62
N ARG A 229 10.35 -6.11 19.08
CA ARG A 229 10.69 -6.04 20.49
C ARG A 229 11.88 -5.11 20.70
N ASP A 230 11.90 -4.48 21.88
CA ASP A 230 12.92 -3.50 22.25
C ASP A 230 13.02 -2.40 21.20
N VAL A 231 11.89 -1.80 20.88
CA VAL A 231 11.79 -0.73 19.89
C VAL A 231 12.08 0.60 20.56
N GLN A 232 12.93 1.42 19.92
CA GLN A 232 13.23 2.75 20.41
C GLN A 232 12.55 3.86 19.61
N GLU A 233 12.16 3.61 18.36
CA GLU A 233 11.56 4.63 17.53
C GLU A 233 10.94 3.98 16.30
N ILE A 234 9.85 4.58 15.83
CA ILE A 234 9.20 4.22 14.57
C ILE A 234 9.07 5.50 13.76
N ARG A 235 9.68 5.54 12.58
CA ARG A 235 9.71 6.74 11.74
C ARG A 235 8.89 6.53 10.48
N TYR A 236 7.97 7.47 10.22
CA TYR A 236 7.14 7.48 9.03
C TYR A 236 7.49 8.67 8.16
N GLU A 237 7.53 8.44 6.84
CA GLU A 237 7.77 9.52 5.88
C GLU A 237 7.43 9.02 4.50
N VAL A 238 7.05 9.95 3.61
CA VAL A 238 6.78 9.58 2.23
C VAL A 238 8.04 9.04 1.59
N SER A 239 7.95 7.87 0.97
CA SER A 239 9.11 7.22 0.39
C SER A 239 9.58 7.96 -0.85
N ALA A 240 10.89 7.93 -1.07
CA ALA A 240 11.45 8.45 -2.32
C ALA A 240 11.07 7.57 -3.51
N LYS A 241 10.68 6.33 -3.26
CA LYS A 241 10.32 5.40 -4.32
C LYS A 241 8.82 5.50 -4.62
N LYS A 242 8.47 5.19 -5.87
CA LYS A 242 7.09 5.16 -6.31
C LYS A 242 6.83 3.85 -7.05
N ILE A 243 5.58 3.38 -6.98
CA ILE A 243 5.14 2.22 -7.75
C ILE A 243 4.64 2.71 -9.09
N HIS A 244 4.98 1.99 -10.15
CA HIS A 244 4.64 2.39 -11.51
C HIS A 244 3.58 1.46 -12.08
N PHE A 245 2.48 2.04 -12.55
CA PHE A 245 1.40 1.30 -13.19
C PHE A 245 1.45 1.50 -14.69
N ALA A 246 1.11 0.44 -15.43
CA ALA A 246 0.87 0.57 -16.86
C ALA A 246 -0.56 1.06 -17.08
N ARG A 247 -0.71 2.10 -17.90
CA ARG A 247 -2.00 2.74 -18.16
C ARG A 247 -2.38 2.50 -19.62
N PHE A 248 -3.43 1.70 -19.84
CA PHE A 248 -3.90 1.43 -21.20
C PHE A 248 -5.22 2.12 -21.54
N ARG A 249 -5.95 2.63 -20.56
CA ARG A 249 -7.11 3.48 -20.81
C ARG A 249 -7.34 4.35 -19.57
N SER A 250 -8.50 4.99 -19.50
CA SER A 250 -8.84 5.94 -18.45
C SER A 250 -9.78 5.29 -17.44
N PHE A 251 -9.33 5.18 -16.19
CA PHE A 251 -10.15 4.71 -15.09
C PHE A 251 -9.86 5.61 -13.90
N PRO A 252 -10.54 6.76 -13.82
CA PRO A 252 -10.19 7.75 -12.80
C PRO A 252 -10.34 7.21 -11.39
N PHE A 253 -9.49 7.73 -10.49
CA PHE A 253 -9.52 7.30 -9.09
C PHE A 253 -10.88 7.58 -8.46
N TRP A 254 -11.43 8.77 -8.68
CA TRP A 254 -12.72 9.09 -8.08
C TRP A 254 -13.81 8.20 -8.63
N ARG A 255 -13.74 7.87 -9.93
CA ARG A 255 -14.65 6.88 -10.48
CA ARG A 255 -14.64 6.88 -10.48
C ARG A 255 -14.46 5.53 -9.82
N ARG A 256 -13.20 5.12 -9.59
CA ARG A 256 -12.93 3.86 -8.90
C ARG A 256 -13.48 3.90 -7.48
N VAL A 257 -13.43 5.08 -6.84
CA VAL A 257 -14.01 5.23 -5.50
C VAL A 257 -15.53 5.11 -5.57
N HIS A 258 -16.15 5.73 -6.59
CA HIS A 258 -17.60 5.65 -6.73
C HIS A 258 -18.07 4.21 -6.93
N ASP A 259 -17.41 3.49 -7.85
CA ASP A 259 -17.82 2.13 -8.15
C ASP A 259 -17.71 1.22 -6.93
N SER A 260 -16.74 1.49 -6.05
CA SER A 260 -16.49 0.59 -4.92
C SER A 260 -17.39 0.86 -3.74
N PHE A 261 -17.80 2.11 -3.52
CA PHE A 261 -18.52 2.49 -2.32
C PHE A 261 -19.93 3.01 -2.55
N ILE A 262 -20.24 3.53 -3.73
CA ILE A 262 -21.59 4.03 -3.99
C ILE A 262 -22.44 2.92 -4.59
N GLU A 263 -22.17 2.57 -5.85
CA GLU A 263 -22.76 1.41 -6.51
C GLU A 263 -22.14 1.29 -7.91
N ASP A 264 -22.26 0.10 -8.48
CA ASP A 264 -21.80 -0.16 -9.84
C ASP A 264 -22.84 -0.98 -10.59
C1 CIT B . -7.20 9.97 -12.17
O1 CIT B . -7.63 9.59 -11.07
O2 CIT B . -7.91 10.71 -12.88
C2 CIT B . -5.82 9.56 -12.67
C3 CIT B . -5.65 8.04 -12.78
O7 CIT B . -6.76 7.49 -13.53
C4 CIT B . -4.35 7.71 -13.50
C5 CIT B . -4.44 8.12 -14.94
O3 CIT B . -3.87 9.15 -15.34
O4 CIT B . -5.07 7.41 -15.77
C6 CIT B . -5.67 7.40 -11.40
O5 CIT B . -4.63 7.36 -10.70
O6 CIT B . -6.73 6.91 -10.95
C2 JXZ C . -9.47 -0.48 -0.64
C4 JXZ C . -8.19 -2.42 -0.47
C5 JXZ C . -7.06 -1.67 -0.81
C6 JXZ C . -7.20 -0.31 -1.05
N7 JXZ C . -6.01 -2.49 -0.82
C8 JXZ C . -6.45 -3.70 -0.52
CAA JXZ C . -5.57 -4.93 -0.42
CAE JXZ C . -8.43 -5.12 1.59
CAF JXZ C . -8.57 -4.85 0.06
N1 JXZ C . -8.41 0.25 -0.96
N3 JXZ C . -9.38 -1.79 -0.40
N6 JXZ C . -6.14 0.43 -1.36
N9 JXZ C . -7.77 -3.67 -0.31
OAC JXZ C . -8.89 -4.00 2.37
#